data_4AQV
#
_entry.id   4AQV
#
_cell.length_a   1.000
_cell.length_b   1.000
_cell.length_c   1.000
_cell.angle_alpha   90.00
_cell.angle_beta   90.00
_cell.angle_gamma   90.00
#
_symmetry.space_group_name_H-M   'P 1'
#
loop_
_entity.id
_entity.type
_entity.pdbx_description
1 polymer 'TUBULIN ALPHA-1D CHAIN'
2 polymer 'TUBULIN BETA-2B CHAIN'
3 polymer 'KINESIN-LIKE PROTEIN KIF11'
4 non-polymer 'MAGNESIUM ION'
5 non-polymer "GUANOSINE-5'-TRIPHOSPHATE"
6 non-polymer "GUANOSINE-5'-DIPHOSPHATE"
7 non-polymer TAXOL
8 non-polymer 'PHOSPHOAMINOPHOSPHONIC ACID-ADENYLATE ESTER'
#
loop_
_entity_poly.entity_id
_entity_poly.type
_entity_poly.pdbx_seq_one_letter_code
_entity_poly.pdbx_strand_id
1 'polypeptide(L)'
;MRECISIHVGQAGVQIGNACWELYCLEHGIQPDGQMPSDKTIGGGDDSFNTFFSETGAGKHVPRAVFVDLEPTVIDEVRT
GTYRQLFHPEQLITGKEDAANNYARGHYTIGKEIIDLVLDRIRKLADQCTGLQGFSVFHSFGGGTGSGFTSLLMERLSVD
YGKKSKLEFSIYPAPQVSTAVVEPYNSILTTHTTLEHSDCAFMVDNEAIYDICRRNLDIERPTYTNLNRLIGQIVSSITA
SLRFDGALNVDLTEFQTNLVPYPRGHFPLATYAPVISAEKAYHEQLSVAEITNACFEPANQMVKCDPRHGKYMACCLLYR
GDVVPKDVNAAIATIKTKRTIQFVDWCPTGFKVGINYEPPTVVPGGDLAKVQRAVCMLSNTTAIAEAWARLDHKFDLMYA
KRAFVHWYVGEGMEEGEFSEAREDMAALEKDYEEVGVDSVEGEGEEEEGEEY
;
A
2 'polypeptide(L)'
;MREIVHIQAGQCGNQIGAKFWEVISDEHGIDPTGSYHGDSDLQLERINVYYNEAAGNKYVPRAILVDLEPGTMDSVRSGP
FGQIFRPDNFVFGQSGAGNNWAKGHYTEGAELVDSVLDVVRKESESCDCLQGFQLTHSLGGGTGSGMGTLLISKIREEYP
DRIMNTFSVVPSPKVSDTVVEPYNATLSVHQLVENTDETYCIDNEALYDICFRTLKLTTPTYGDLNHLVSATMSGVTTCL
RFPGQLNADLRKLAVNMVPFPRLHFFMPGFAPLTSRGSQQYRALTVPELTQQMFDAKNMMAACDPRHGRYLTVAAVFRGR
MSMKEVDEQMLNVQNKNSSYFVEWIPNNVKTAVCDIPPRGLKMSATFIGNSTAIQELFKRISEQFTAMFRRKAFLHWYTG
EGMDEMEFTEAESNMNDLVSEYQQYQDATADEQGEFEEEEGEDEA
;
B
3 'polypeptide(L)'
;MASQPNSSAKKKEEKGKNIQVVVRVRPFNLAERKASAHSIVESDPVRKEVSVRTGGLADKSSRKTYTFDMVFGASTKQID
VYRSVVAPILDEVIMGYNATIFAYGQTGTGKTFTMEGERSPNEEYCWEEDPLAGIIPRTLHQIFEKLTDNGTEFSVKVSL
LEIYNEELFDLLNPSSDVSERLQMFDDPRNKRGVIIKGLEEITVHNKDEVYQILEKGAAKRTTAATLMNAYSSRSHSVFS
VTIHMKETTIDGEELVKIGKLNLVDLAGSENIGRSGAVDKRAREAGNINQSLLTLGRVITALVERTPHVPYRESKLTRIL
QDSLGGRTRTSIIATISPASLNLEETLSTLEYAHRAKNILNKPEVNQHHHHHH
;
C
#
loop_
_chem_comp.id
_chem_comp.type
_chem_comp.name
_chem_comp.formula
ANP non-polymer 'PHOSPHOAMINOPHOSPHONIC ACID-ADENYLATE ESTER' 'C10 H17 N6 O12 P3'
GDP RNA linking GUANOSINE-5'-DIPHOSPHATE 'C10 H15 N5 O11 P2'
GTP non-polymer GUANOSINE-5'-TRIPHOSPHATE 'C10 H16 N5 O14 P3'
MG non-polymer 'MAGNESIUM ION' 'Mg 2'
TA1 non-polymer TAXOL 'C47 H51 N O14'
#
# COMPACT_ATOMS: atom_id res chain seq x y z
CA ARG A 2 -32.35 24.71 13.12
CA GLU A 3 -29.51 22.46 14.30
CA CYS A 4 -26.45 21.07 12.53
CA ILE A 5 -25.03 17.68 13.47
CA SER A 6 -21.28 17.12 13.17
CA ILE A 7 -19.24 14.07 12.28
CA HIS A 8 -15.59 14.30 13.25
CA VAL A 9 -13.80 11.72 11.13
CA GLY A 10 -10.17 10.63 11.35
CA GLN A 11 -7.81 11.00 14.30
CA ALA A 12 -7.19 14.58 13.25
CA GLY A 13 -10.83 15.46 12.65
CA VAL A 14 -11.24 14.07 16.14
CA GLN A 15 -8.38 16.05 17.73
CA ILE A 16 -9.68 19.19 16.07
CA GLY A 17 -13.07 17.92 17.18
CA ASN A 18 -12.11 17.64 20.82
CA ALA A 19 -10.81 21.21 20.43
CA CYS A 20 -13.74 22.84 18.66
CA TRP A 21 -15.85 20.88 21.08
CA GLU A 22 -13.90 22.35 23.95
CA LEU A 23 -14.16 25.99 22.95
CA TYR A 24 -17.89 25.33 22.87
CA CYS A 25 -18.91 24.54 26.43
CA LEU A 26 -16.25 27.07 27.39
CA GLU A 27 -18.38 29.89 25.98
CA HIS A 28 -21.70 28.34 26.97
CA GLY A 29 -21.06 27.79 30.68
CA ILE A 30 -21.43 24.03 30.48
CA GLN A 31 -18.50 22.49 32.42
CA PRO A 32 -17.18 18.86 32.05
CA ASP A 33 -20.44 17.29 33.06
CA GLY A 34 -23.46 19.45 32.17
CA HIS A 61 -25.85 18.70 28.74
CA VAL A 62 -25.35 16.41 25.74
CA PRO A 63 -23.30 17.07 22.57
CA ARG A 64 -24.81 16.74 19.11
CA ALA A 65 -22.18 14.94 17.07
CA VAL A 66 -20.24 11.74 16.56
CA PHE A 67 -16.67 10.47 16.39
CA VAL A 68 -15.33 8.01 13.80
CA ASP A 69 -11.92 6.32 13.53
CA LEU A 70 -10.46 2.94 12.56
CA GLU A 71 -7.72 3.30 15.18
CA PRO A 72 -9.15 2.90 18.67
CA THR A 73 -6.36 4.56 20.65
CA VAL A 74 -7.34 8.03 19.32
CA ILE A 75 -11.09 8.12 19.99
CA ASP A 76 -10.00 6.54 23.24
CA GLU A 77 -8.30 9.87 23.98
CA VAL A 78 -11.79 11.31 24.07
CA ARG A 79 -12.70 8.34 26.24
CA THR A 80 -9.74 8.79 28.60
CA GLY A 81 -8.83 12.47 28.53
CA THR A 82 -10.77 15.68 29.11
CA TYR A 83 -14.42 15.99 28.06
CA ARG A 84 -14.65 12.32 28.94
CA GLN A 85 -18.24 12.08 30.24
CA LEU A 86 -19.69 14.82 28.05
CA PHE A 87 -20.22 12.18 25.37
CA HIS A 88 -22.27 9.05 24.92
CA PRO A 89 -20.25 5.93 24.19
CA GLU A 90 -22.81 5.76 21.40
CA GLN A 91 -21.56 8.83 19.48
CA LEU A 92 -18.03 7.44 19.67
CA ILE A 93 -17.52 4.94 16.84
CA THR A 94 -14.31 2.91 16.57
CA GLY A 95 -13.02 0.01 14.50
CA LYS A 96 -10.37 -1.67 16.69
CA GLU A 97 -9.05 -2.91 13.38
CA ASP A 98 -6.59 -0.91 11.33
CA ALA A 99 -6.47 2.71 10.21
CA ALA A 100 -4.09 2.54 7.23
CA ASN A 101 -2.90 5.75 5.72
CA ASN A 102 -4.55 4.79 2.52
CA TYR A 103 -7.84 5.94 1.05
CA ALA A 104 -8.88 2.65 -0.55
CA ARG A 105 -8.66 0.58 2.61
CA GLY A 106 -10.44 3.23 4.62
CA HIS A 107 -13.13 3.88 2.03
CA TYR A 108 -13.65 0.42 0.50
CA THR A 109 -12.27 -2.65 2.30
CA ILE A 110 -12.14 -1.78 5.99
CA GLY A 111 -13.90 1.56 6.40
CA LYS A 112 -16.94 -0.12 4.85
CA GLU A 113 -17.68 -2.42 7.76
CA ILE A 114 -18.20 0.52 10.12
CA ILE A 115 -20.15 2.92 7.91
CA ASP A 116 -23.56 1.33 8.51
CA LEU A 117 -23.09 1.68 12.24
CA VAL A 118 -21.68 5.16 11.70
CA LEU A 119 -24.69 6.23 9.66
CA ASP A 120 -27.03 4.73 12.23
CA ARG A 121 -25.94 7.41 14.68
CA ILE A 122 -26.26 10.25 12.19
CA ARG A 123 -29.77 8.87 11.58
CA LYS A 124 -30.43 8.20 15.27
CA LEU A 125 -29.03 11.62 16.27
CA ALA A 126 -30.66 13.20 13.21
CA ASP A 127 -34.09 11.97 14.27
CA GLN A 128 -34.07 12.95 17.95
CA CYS A 129 -33.74 16.65 17.00
CA THR A 130 -36.26 19.19 15.61
CA GLY A 131 -36.02 20.26 11.97
CA LEU A 132 -32.23 20.25 11.51
CA GLN A 133 -30.18 22.05 8.85
CA GLY A 134 -27.23 19.76 8.19
CA PHE A 135 -24.04 18.03 9.34
CA SER A 136 -20.82 19.90 9.97
CA VAL A 137 -18.32 17.20 8.97
CA PHE A 138 -14.72 17.31 10.32
CA HIS A 139 -12.05 15.41 8.38
CA SER A 140 -8.37 15.59 7.44
CA PHE A 141 -8.20 15.24 3.67
CA GLY A 142 -4.91 13.33 3.53
CA GLY A 143 -5.47 10.44 5.89
CA GLY A 144 -6.86 6.94 5.80
CA THR A 145 -9.91 7.17 8.04
CA GLY A 146 -10.25 10.82 7.17
CA SER A 147 -10.07 10.77 3.40
CA GLY A 148 -11.50 7.38 2.50
CA PHE A 149 -14.18 6.70 5.08
CA THR A 150 -15.82 10.11 5.01
CA SER A 151 -15.73 9.89 1.28
CA LEU A 152 -18.46 7.30 1.59
CA LEU A 153 -19.97 8.80 4.75
CA MET A 154 -20.69 12.10 3.05
CA GLU A 155 -21.47 9.86 0.11
CA ARG A 156 -24.20 7.96 1.95
CA LEU A 157 -25.51 11.31 3.34
CA SER A 158 -26.02 13.14 0.06
CA VAL A 159 -28.51 10.39 -0.71
CA ASP A 160 -30.16 9.91 2.66
CA TYR A 161 -30.65 13.63 3.22
CA GLY A 162 -30.05 15.34 -0.11
CA LYS A 163 -32.48 17.87 1.34
CA LYS A 164 -30.00 19.52 3.72
CA SER A 165 -26.63 21.19 4.13
CA LYS A 166 -23.37 19.34 3.85
CA LEU A 167 -20.64 21.69 4.93
CA GLU A 168 -17.46 19.74 5.42
CA PHE A 169 -14.71 21.40 7.36
CA SER A 170 -11.41 20.06 6.01
CA ILE A 171 -7.70 20.38 6.89
CA TYR A 172 -6.20 19.94 3.47
CA PRO A 173 -2.47 18.94 2.86
CA ALA A 174 0.30 21.28 3.99
CA PRO A 175 1.79 22.83 0.82
CA GLN A 176 5.33 21.56 1.58
CA VAL A 177 5.09 20.18 5.08
CA SER A 178 2.92 17.14 4.45
CA THR A 179 3.21 14.09 6.64
CA ALA A 180 2.03 10.86 5.04
CA VAL A 181 4.15 9.80 2.10
CA VAL A 182 1.07 9.24 0.01
CA GLU A 183 -1.07 12.20 1.22
CA PRO A 184 -2.03 13.28 -2.34
CA TYR A 185 -3.33 9.84 -3.23
CA ASN A 186 -5.58 10.21 -0.21
CA SER A 187 -6.58 13.79 -0.99
CA ILE A 188 -7.19 13.65 -4.69
CA LEU A 189 -9.47 10.79 -3.73
CA THR A 190 -11.39 12.44 -0.93
CA THR A 191 -11.98 15.46 -3.13
CA HIS A 192 -13.43 13.61 -6.14
CA THR A 193 -15.69 11.38 -4.10
CA THR A 194 -16.95 14.13 -1.82
CA LEU A 195 -17.15 16.83 -4.52
CA GLU A 196 -20.47 15.59 -5.81
CA HIS A 197 -21.83 15.38 -2.27
CA SER A 198 -20.85 18.42 -0.18
CA ASP A 199 -22.60 21.76 0.03
CA CYS A 200 -19.71 23.97 1.10
CA ALA A 201 -16.29 22.67 2.07
CA PHE A 202 -14.37 24.89 4.48
CA MET A 203 -10.62 24.65 4.31
CA VAL A 204 -7.95 25.30 6.91
CA ASP A 205 -4.33 24.66 5.91
CA ASN A 206 -2.28 23.05 8.66
CA GLU A 207 1.01 24.72 7.63
CA ALA A 208 -0.33 28.16 6.76
CA ILE A 209 -1.70 28.14 10.32
CA TYR A 210 1.77 27.61 11.74
CA ASP A 211 2.88 30.80 10.09
CA ILE A 212 0.17 32.51 12.05
CA CYS A 213 1.64 30.88 15.18
CA ARG A 214 5.10 32.08 14.27
CA ARG A 215 4.29 35.49 12.75
CA ASN A 216 1.08 36.49 14.49
CA LEU A 217 1.44 35.17 17.99
CA ASP A 218 5.09 34.20 18.18
CA ILE A 219 5.80 30.62 19.29
CA GLU A 220 8.01 27.96 17.73
CA ARG A 221 6.35 25.59 20.18
CA PRO A 222 2.97 25.06 18.50
CA THR A 223 1.49 21.77 19.61
CA TYR A 224 -1.21 20.25 17.44
CA THR A 225 -3.32 21.11 20.45
CA ASN A 226 -2.93 24.72 19.33
CA LEU A 227 -3.81 24.64 15.66
CA ASN A 228 -6.86 22.90 17.01
CA ARG A 229 -7.60 25.79 19.39
CA LEU A 230 -7.41 28.02 16.40
CA ILE A 231 -9.70 26.23 14.00
CA GLY A 232 -11.45 25.56 17.27
CA GLN A 233 -11.99 29.31 17.12
CA ILE A 234 -12.73 30.04 13.47
CA VAL A 235 -15.24 27.18 13.69
CA SER A 236 -16.88 28.64 16.76
CA SER A 237 -17.59 31.66 14.60
CA ILE A 238 -19.30 29.52 12.01
CA THR A 239 -21.86 27.40 13.88
CA ALA A 240 -21.80 28.19 17.59
CA SER A 241 -22.33 31.97 17.59
CA LEU A 242 -24.06 32.20 14.23
CA ARG A 243 -26.78 29.69 15.08
CA PHE A 244 -26.86 32.07 18.06
CA ASP A 245 -29.11 35.20 17.88
CA GLY A 246 -27.59 38.47 16.74
CA ALA A 247 -28.03 41.74 14.86
CA LEU A 248 -27.53 40.07 11.46
CA ASN A 249 -28.04 36.29 11.79
CA VAL A 250 -26.72 33.93 9.13
CA ASP A 251 -28.17 30.42 8.79
CA LEU A 252 -26.07 27.48 7.55
CA THR A 253 -28.01 27.38 4.32
CA GLU A 254 -27.18 31.10 4.08
CA PHE A 255 -23.57 30.10 3.58
CA GLN A 256 -23.72 27.73 0.67
CA THR A 257 -26.21 30.17 -0.90
CA ASN A 258 -24.20 33.35 -0.41
CA LEU A 259 -20.95 31.35 -0.67
CA VAL A 260 -21.02 28.89 -3.57
CA PRO A 261 -21.48 30.21 -7.08
CA TYR A 262 -21.40 26.71 -8.50
CA PRO A 263 -22.42 23.13 -7.61
CA ARG A 264 -18.84 21.98 -7.20
CA GLY A 265 -18.88 21.55 -3.40
CA HIS A 266 -16.80 24.70 -3.55
CA PHE A 267 -14.24 25.23 -0.93
CA PRO A 268 -13.95 28.62 0.73
CA LEU A 269 -11.06 29.48 3.13
CA ALA A 270 -11.31 30.28 6.84
CA THR A 271 -9.70 33.40 8.25
CA TYR A 272 -9.79 35.03 11.66
CA ALA A 273 -8.96 38.61 12.57
CA PRO A 274 -7.84 39.31 16.14
CA VAL A 275 -5.17 36.64 16.15
CA ILE A 276 -3.11 38.67 18.55
CA SER A 277 -0.97 37.16 21.34
CA ALA A 278 -2.26 37.23 24.92
CA GLU A 279 1.10 38.15 26.37
CA LYS A 280 3.38 39.89 23.97
CA ALA A 281 1.93 42.89 22.23
CA TYR A 282 -1.20 44.67 23.34
CA HIS A 283 -3.06 47.00 21.14
CA GLU A 284 -6.10 44.68 21.54
CA GLN A 285 -8.51 47.67 21.16
CA LEU A 286 -8.33 47.42 17.43
CA SER A 287 -11.62 48.90 16.18
CA VAL A 288 -13.42 47.15 13.34
CA ALA A 289 -11.79 49.34 10.74
CA GLU A 290 -8.62 47.41 11.65
CA ILE A 291 -9.63 43.80 12.26
CA THR A 292 -11.35 43.69 8.86
CA ASN A 293 -8.36 44.87 6.97
CA ALA A 294 -6.39 42.21 8.83
CA CYS A 295 -8.39 39.53 7.10
CA PHE A 296 -7.35 40.21 3.53
CA GLU A 297 -3.62 40.43 4.16
CA PRO A 298 -2.55 36.94 3.09
CA ALA A 299 -0.52 36.33 6.24
CA ASN A 300 -3.53 35.51 8.33
CA GLN A 301 -5.74 33.06 6.59
CA MET A 302 -5.23 29.52 7.76
CA VAL A 303 -4.39 28.51 4.19
CA LYS A 304 -1.23 28.60 2.05
CA CYS A 305 -3.30 29.96 -0.81
CA ASP A 306 -1.97 33.52 -0.62
CA PRO A 307 -4.22 35.59 -2.94
CA ARG A 308 -1.46 35.19 -5.53
CA HIS A 309 -4.09 36.12 -8.11
CA GLY A 310 -7.21 34.37 -6.93
CA LYS A 311 -10.04 36.83 -7.22
CA TYR A 312 -12.48 36.55 -4.35
CA MET A 313 -15.97 35.73 -5.57
CA ALA A 314 -17.86 35.83 -2.30
CA CYS A 315 -16.93 36.45 1.31
CA CYS A 316 -19.01 35.89 4.43
CA LEU A 317 -17.72 38.32 6.98
CA LEU A 318 -18.89 36.90 10.26
CA TYR A 319 -18.34 39.44 13.00
CA ARG A 320 -18.95 38.91 16.69
CA GLY A 321 -18.78 41.21 19.68
CA ASP A 322 -19.32 44.97 19.81
CA VAL A 323 -19.77 46.05 16.19
CA VAL A 324 -21.79 48.94 14.73
CA PRO A 325 -23.37 47.97 11.40
CA LYS A 326 -22.22 51.27 9.92
CA ASP A 327 -18.70 50.54 11.06
CA VAL A 328 -19.00 47.45 8.89
CA ASN A 329 -21.10 48.98 6.13
CA ALA A 330 -18.11 51.30 5.73
CA ALA A 331 -15.08 49.24 6.67
CA ILE A 332 -16.25 46.97 3.88
CA ALA A 333 -17.01 49.91 1.60
CA THR A 334 -13.43 51.10 1.99
CA ILE A 335 -12.34 47.60 0.97
CA LYS A 336 -14.69 47.30 -2.00
CA THR A 337 -12.65 50.19 -3.38
CA LYS A 338 -9.09 49.03 -2.71
CA ARG A 339 -9.11 47.33 -6.11
CA THR A 340 -5.82 45.57 -5.36
CA ILE A 341 -8.32 43.20 -3.72
CA GLN A 342 -9.95 42.56 -7.13
CA PHE A 343 -13.26 40.66 -6.84
CA VAL A 344 -14.64 38.58 -9.66
CA ASP A 345 -16.32 40.31 -12.61
CA TRP A 346 -19.68 38.59 -12.72
CA CYS A 347 -19.98 39.56 -9.12
CA PRO A 348 -21.09 43.10 -8.24
CA THR A 349 -21.23 42.69 -4.51
CA GLY A 350 -20.04 39.54 -2.76
CA PHE A 351 -19.99 40.48 0.92
CA LYS A 352 -22.29 38.65 3.31
CA VAL A 353 -22.08 40.64 6.54
CA GLY A 354 -22.85 38.40 9.49
CA ILE A 355 -23.10 40.18 12.83
CA ASN A 356 -23.33 38.38 16.15
CA TYR A 357 -23.46 39.86 19.64
CA GLU A 358 -21.46 37.87 22.19
CA PRO A 359 -17.73 38.64 21.69
CA PRO A 360 -15.30 35.70 21.11
CA THR A 361 -14.23 33.45 23.99
CA VAL A 362 -10.58 32.61 24.36
CA VAL A 363 -9.17 29.66 26.25
CA PRO A 364 -8.57 30.73 29.90
CA GLY A 365 -4.82 30.55 29.43
CA GLY A 366 -3.75 29.25 26.04
CA ASP A 367 -2.12 31.94 23.91
CA LEU A 368 -5.04 33.69 22.22
CA ALA A 369 -5.21 37.41 22.97
CA LYS A 370 -8.90 37.81 23.93
CA VAL A 371 -10.37 40.83 22.18
CA GLN A 372 -13.93 42.17 22.31
CA ARG A 373 -14.64 41.66 18.63
CA ALA A 374 -13.38 39.46 15.80
CA VAL A 375 -13.83 38.72 12.10
CA CYS A 376 -14.04 35.12 10.92
CA MET A 377 -14.22 35.77 7.22
CA LEU A 378 -14.38 32.83 4.90
CA SER A 379 -14.54 32.91 1.13
CA ASN A 380 -14.25 31.30 -2.27
CA THR A 381 -11.14 32.60 -4.01
CA THR A 382 -9.97 31.78 -7.50
CA ALA A 383 -6.82 31.35 -5.47
CA ILE A 384 -7.24 27.70 -4.71
CA ALA A 385 -6.71 27.29 -8.46
CA GLU A 386 -3.22 27.09 -7.02
CA ALA A 387 -3.52 24.89 -3.93
CA TRP A 388 -5.41 22.27 -5.96
CA ALA A 389 -2.92 22.52 -8.80
CA ARG A 390 0.12 22.06 -6.54
CA LEU A 391 -1.62 19.11 -4.90
CA ASP A 392 -2.68 17.50 -8.11
CA HIS A 393 0.79 17.69 -9.62
CA LYS A 394 2.08 15.87 -6.51
CA PHE A 395 -0.25 12.98 -7.24
CA ASP A 396 0.87 12.52 -10.83
CA LEU A 397 4.52 12.33 -9.98
CA MET A 398 3.81 9.26 -7.86
CA TYR A 399 1.02 7.77 -9.92
CA ALA A 400 3.34 8.26 -12.84
CA LYS A 401 5.30 5.43 -11.20
CA ARG A 402 2.43 3.75 -9.41
CA ALA A 403 4.39 4.34 -6.21
CA PHE A 404 2.21 3.06 -3.37
CA VAL A 405 -0.47 1.88 -5.74
CA HIS A 406 -0.29 -1.77 -4.82
CA TRP A 407 -1.49 -0.66 -1.41
CA TYR A 408 -4.87 0.38 -2.67
CA VAL A 409 -5.46 -2.08 -5.45
CA GLY A 410 -5.00 -4.84 -2.94
CA GLU A 411 -7.71 -3.02 -1.07
CA GLY A 412 -10.57 -3.04 -3.53
CA MET A 413 -9.77 -0.18 -5.89
CA GLU A 414 -8.51 -0.12 -9.45
CA GLU A 415 -6.50 1.76 -12.04
CA GLY A 416 -9.93 3.22 -12.58
CA GLU A 417 -10.60 5.06 -9.35
CA PHE A 418 -7.18 6.71 -9.49
CA SER A 419 -6.97 7.69 -13.15
CA GLU A 420 -10.65 8.50 -13.13
CA ALA A 421 -10.40 10.70 -10.02
CA ARG A 422 -7.43 12.45 -11.48
CA GLU A 423 -9.42 13.40 -14.56
CA ASP A 424 -12.00 14.48 -11.97
CA MET A 425 -9.92 17.14 -10.32
CA ALA A 426 -8.51 18.08 -13.72
CA ALA A 427 -11.90 19.72 -14.39
CA LEU A 428 -11.57 21.37 -10.99
CA GLU A 429 -8.40 23.09 -12.18
CA LYS A 430 -10.33 24.26 -15.24
CA ASP A 431 -13.42 25.06 -13.22
CA TYR A 432 -11.66 27.28 -10.68
CA GLU A 433 -9.96 28.81 -13.71
CA GLU A 434 -13.01 29.52 -15.86
CA VAL A 435 -15.23 30.93 -13.10
CA GLY A 436 -12.53 33.57 -12.90
CA VAL A 437 -9.53 35.07 -14.70
CA ASP A 438 -12.07 35.74 -17.47
CA SER A 439 -14.77 38.37 -18.09
CA ARG B 2 -2.89 -5.82 18.65
CA GLU B 3 -0.15 -8.44 19.17
CA ILE B 4 3.06 -10.17 17.98
CA VAL B 5 4.96 -13.39 18.78
CA HIS B 6 8.75 -13.25 18.94
CA ILE B 7 10.83 -16.07 17.49
CA GLN B 8 14.35 -16.96 18.79
CA ALA B 9 15.74 -19.07 15.93
CA GLY B 10 19.16 -20.62 16.43
CA GLN B 11 21.68 -19.75 19.15
CA CYS B 12 22.38 -16.19 18.14
CA GLY B 13 18.76 -15.34 17.53
CA ASN B 14 18.39 -17.01 20.89
CA GLN B 15 21.26 -15.32 22.75
CA ILE B 16 19.70 -12.07 21.56
CA GLY B 17 16.30 -13.22 22.74
CA ALA B 18 17.71 -13.07 26.22
CA LYS B 19 18.80 -9.49 25.58
CA PHE B 20 15.67 -8.43 23.72
CA TRP B 21 13.62 -9.73 26.59
CA GLU B 22 16.09 -8.57 29.20
CA VAL B 23 15.35 -5.06 27.95
CA ILE B 24 11.74 -5.04 26.84
CA SER B 25 10.69 -6.43 30.23
CA ASP B 26 12.25 -3.55 32.17
CA GLU B 27 10.62 -1.35 29.52
CA HIS B 28 7.46 -2.98 30.83
CA GLY B 29 8.28 -3.61 34.50
CA ILE B 30 8.19 -7.40 34.31
CA ASP B 31 10.60 -9.05 36.77
CA PRO B 32 11.87 -12.61 36.10
CA THR B 33 8.64 -14.42 37.00
CA GLY B 34 7.27 -11.38 38.80
CA SER B 35 4.56 -9.16 37.35
CA TYR B 36 4.19 -5.52 36.48
CA HIS B 37 6.25 -3.41 38.92
CA GLY B 38 6.00 -0.69 36.29
CA ASP B 39 7.17 2.64 37.60
CA SER B 40 4.16 3.93 35.67
CA ASP B 41 0.71 2.69 34.63
CA LEU B 42 1.14 3.14 30.88
CA GLN B 43 3.67 0.32 30.48
CA LEU B 44 0.74 -2.06 30.90
CA GLU B 45 -2.28 -1.02 28.84
CA ARG B 46 -0.54 -2.38 25.75
CA ILE B 47 1.76 -5.16 27.03
CA ASN B 48 -0.42 -7.89 25.53
CA VAL B 49 1.58 -7.33 22.36
CA TYR B 50 4.27 -9.55 23.96
CA TYR B 51 2.73 -11.47 26.86
CA ASN B 52 -0.17 -13.60 28.13
CA GLU B 53 -2.47 -13.58 31.16
CA ALA B 54 -2.50 -16.77 33.25
CA ALA B 55 -1.80 -16.27 36.95
CA GLY B 56 -2.08 -12.55 37.67
CA ASN B 57 1.57 -11.71 38.29
CA LYS B 58 2.92 -13.95 35.57
CA TYR B 59 2.77 -12.28 32.18
CA VAL B 60 4.85 -14.71 30.13
CA PRO B 61 6.75 -13.61 27.03
CA ARG B 62 5.03 -14.96 23.95
CA ALA B 63 8.06 -15.97 21.92
CA ILE B 64 9.46 -19.21 20.53
CA LEU B 65 12.88 -20.69 21.28
CA VAL B 66 13.98 -22.84 18.36
CA ASP B 67 17.39 -24.55 18.43
CA LEU B 68 19.05 -27.92 17.72
CA GLU B 69 21.76 -27.40 20.35
CA PRO B 70 20.59 -28.02 23.89
CA GLY B 71 23.45 -26.28 25.76
CA THR B 72 22.34 -22.95 24.28
CA MET B 73 18.71 -22.72 25.39
CA ASP B 74 20.01 -24.45 28.52
CA SER B 75 22.18 -21.39 29.16
CA VAL B 76 19.40 -18.95 28.42
CA ARG B 77 17.05 -20.97 30.59
CA SER B 78 19.61 -21.42 33.38
CA GLY B 79 20.62 -17.78 33.80
CA PRO B 80 18.83 -14.48 34.59
CA PHE B 81 15.38 -13.92 33.06
CA GLY B 82 15.71 -17.44 31.72
CA GLN B 83 12.95 -18.69 34.03
CA ILE B 84 10.07 -16.61 32.62
CA PHE B 85 9.46 -18.53 29.41
CA ARG B 86 6.86 -21.27 29.82
CA PRO B 87 8.76 -24.54 29.07
CA ASP B 88 6.25 -25.13 26.28
CA ASN B 89 8.16 -22.35 24.45
CA PHE B 90 11.39 -24.33 24.26
CA VAL B 91 11.32 -26.21 20.96
CA PHE B 92 14.70 -27.90 21.16
CA GLY B 93 16.30 -30.41 18.83
CA GLN B 94 18.85 -32.41 20.84
CA SER B 95 20.07 -33.69 17.45
CA GLY B 96 23.45 -32.59 16.13
CA ALA B 97 22.87 -28.87 15.52
CA GLY B 98 25.46 -29.04 12.73
CA ASN B 99 26.52 -25.72 11.26
CA ASN B 100 24.86 -26.61 8.00
CA TRP B 101 21.99 -24.61 6.51
CA ALA B 102 20.97 -27.85 4.93
CA LYS B 103 21.16 -29.68 8.23
CA GLY B 104 18.68 -27.35 9.89
CA HIS B 105 16.39 -26.75 6.94
CA TYR B 106 15.99 -30.12 5.21
CA THR B 107 17.23 -32.92 7.36
CA GLU B 108 17.43 -32.15 11.01
CA GLY B 109 15.29 -29.04 11.36
CA ALA B 110 12.53 -30.27 9.07
CA GLU B 111 11.59 -32.74 11.77
CA LEU B 112 11.51 -30.34 14.69
CA VAL B 113 9.41 -27.96 12.59
CA ASP B 114 5.98 -29.50 13.11
CA SER B 115 6.59 -29.48 16.87
CA VAL B 116 7.27 -25.76 16.46
CA LEU B 117 4.43 -24.69 14.16
CA ASP B 118 2.30 -26.46 16.75
CA VAL B 119 3.23 -23.87 19.33
CA VAL B 120 3.48 -20.92 16.92
CA ARG B 121 -0.26 -21.67 16.53
CA LYS B 122 -0.91 -22.09 20.22
CA GLU B 123 0.53 -18.59 20.64
CA SER B 124 -1.10 -17.06 17.58
CA GLU B 125 -4.53 -18.34 18.58
CA SER B 126 -3.81 -16.87 22.00
CA CYS B 127 -6.28 -14.02 21.93
CA ASP B 128 -7.38 -10.67 20.50
CA CYS B 129 -5.90 -9.88 17.09
CA LEU B 130 -2.46 -10.89 15.83
CA GLN B 131 -0.29 -8.33 14.03
CA GLY B 132 2.87 -10.27 13.12
CA PHE B 133 5.91 -12.18 14.41
CA GLN B 134 9.40 -10.99 15.38
CA LEU B 135 12.25 -13.17 14.16
CA THR B 136 15.81 -13.14 15.47
CA HIS B 137 18.67 -15.21 14.11
CA SER B 138 21.96 -15.22 12.27
CA LEU B 139 22.38 -16.03 8.61
CA GLY B 140 25.65 -17.76 9.33
CA GLY B 141 24.75 -21.16 10.78
CA GLY B 142 22.35 -24.08 10.88
CA THR B 143 19.65 -23.46 13.47
CA GLY B 144 19.71 -19.85 12.39
CA SER B 145 19.59 -19.46 8.64
CA GLY B 146 18.25 -22.88 7.75
CA MET B 147 15.77 -23.87 10.43
CA GLY B 148 14.68 -20.31 11.20
CA THR B 149 14.33 -19.54 7.52
CA LEU B 150 12.02 -22.52 7.38
CA LEU B 151 10.01 -21.48 10.39
CA ILE B 152 9.01 -18.43 8.44
CA SER B 153 8.34 -20.07 5.09
CA LYS B 154 5.76 -22.03 7.08
CA ILE B 155 4.53 -19.06 9.11
CA ARG B 156 3.95 -17.10 5.84
CA GLU B 157 1.74 -19.89 4.53
CA GLU B 158 -0.28 -20.01 7.69
CA TYR B 159 -1.04 -16.30 7.97
CA PRO B 160 -0.09 -14.41 4.78
CA ASP B 161 -1.98 -11.60 6.50
CA ARG B 162 -0.04 -10.96 9.70
CA ILE B 163 3.34 -9.28 9.17
CA MET B 164 6.87 -10.66 9.51
CA ASN B 165 9.72 -8.54 10.81
CA THR B 166 13.05 -10.24 10.55
CA PHE B 167 16.12 -9.31 12.56
CA SER B 168 19.07 -10.88 10.74
CA VAL B 169 22.71 -10.79 11.74
CA VAL B 170 24.06 -10.71 8.21
CA PRO B 171 27.68 -12.06 8.02
CA SER B 172 30.00 -9.27 9.06
CA PRO B 173 32.70 -8.38 6.50
CA LYS B 174 36.27 -7.96 7.84
CA VAL B 175 36.15 -11.32 9.68
CA SER B 176 33.65 -14.17 9.46
CA ASP B 177 32.80 -15.90 12.73
CA THR B 178 32.26 -19.06 10.68
CA VAL B 179 33.61 -20.55 7.46
CA VAL B 180 30.77 -21.56 5.20
CA GLU B 181 29.02 -18.37 6.30
CA PRO B 182 28.12 -17.26 2.73
CA TYR B 183 26.59 -20.70 2.26
CA ASN B 184 24.36 -20.55 5.31
CA ALA B 185 23.74 -16.89 4.42
CA THR B 186 23.01 -16.72 0.72
CA LEU B 187 20.63 -19.59 1.40
CA SER B 188 18.72 -17.81 4.14
CA VAL B 189 18.51 -14.34 2.52
CA HIS B 190 16.92 -16.19 -0.38
CA GLN B 191 14.10 -17.41 1.96
CA LEU B 192 13.83 -13.93 3.46
CA VAL B 193 13.40 -11.95 0.19
CA GLU B 194 10.38 -14.14 -0.23
CA ASN B 195 8.50 -14.50 3.03
CA THR B 196 9.15 -11.90 5.79
CA ASP B 197 8.22 -8.33 4.74
CA GLU B 198 10.48 -6.25 7.03
CA THR B 199 14.08 -7.22 7.78
CA TYR B 200 16.47 -5.41 10.07
CA CYS B 201 20.07 -6.48 9.26
CA ILE B 202 22.64 -6.04 12.00
CA ASP B 203 26.43 -6.55 11.74
CA ASN B 204 28.48 -7.72 14.69
CA GLU B 205 31.31 -5.44 13.46
CA ALA B 206 29.17 -2.46 12.54
CA LEU B 207 28.21 -2.73 16.21
CA TYR B 208 31.69 -3.11 17.60
CA ASP B 209 32.65 0.06 15.78
CA ILE B 210 29.50 1.89 16.81
CA CYS B 211 30.09 0.39 20.27
CA PHE B 212 33.80 1.05 20.67
CA ARG B 213 33.92 4.58 19.25
CA THR B 214 30.38 5.86 19.86
CA LEU B 215 30.59 4.33 23.34
CA LYS B 216 34.21 4.60 24.40
CA LEU B 217 33.44 1.03 25.54
CA THR B 218 36.77 -0.84 25.43
CA THR B 219 35.55 -4.40 26.11
CA PRO B 220 32.35 -4.78 24.08
CA THR B 221 31.23 -8.25 25.09
CA TYR B 222 28.56 -9.96 23.00
CA GLY B 223 26.01 -9.25 25.70
CA ASP B 224 26.58 -5.63 24.79
CA LEU B 225 26.21 -5.85 21.03
CA ASN B 226 23.07 -7.85 21.67
CA HIS B 227 21.97 -5.26 24.18
CA LEU B 228 22.43 -2.44 21.69
CA VAL B 229 20.49 -4.30 19.01
CA SER B 230 17.66 -5.21 21.38
CA ALA B 231 17.53 -1.48 22.11
CA THR B 232 16.50 -0.78 18.53
CA MET B 233 13.93 -3.58 18.16
CA SER B 234 12.26 -2.12 21.28
CA GLY B 235 12.03 1.33 19.73
CA VAL B 236 10.47 -0.23 16.64
CA THR B 237 7.68 -2.50 17.83
CA THR B 238 6.77 -2.25 21.53
CA CYS B 239 7.38 1.48 21.34
CA LEU B 240 4.79 2.27 18.71
CA ARG B 241 2.38 0.21 20.74
CA PHE B 242 2.46 3.23 22.99
CA PRO B 243 0.55 6.50 22.57
CA GLY B 244 1.94 9.37 20.52
CA GLN B 245 1.01 12.60 18.81
CA LEU B 246 1.64 10.66 15.62
CA ASN B 247 1.93 6.95 16.20
CA ALA B 248 2.46 4.18 13.73
CA ASP B 249 2.66 0.37 14.01
CA LEU B 250 4.43 -2.42 12.12
CA ARG B 251 2.16 -1.89 9.15
CA LYS B 252 2.53 1.91 8.91
CA LEU B 253 6.23 1.11 9.16
CA ALA B 254 5.74 -1.51 6.51
CA VAL B 255 3.27 0.39 4.35
CA ASN B 256 5.54 3.45 4.32
CA MET B 257 8.83 1.70 3.91
CA VAL B 258 8.43 -0.88 1.23
CA PRO B 259 7.97 0.62 -2.21
CA PHE B 260 8.51 -2.72 -3.93
CA PRO B 261 7.40 -6.20 -2.67
CA ARG B 262 10.88 -7.73 -2.45
CA LEU B 263 10.44 -7.09 1.27
CA HIS B 264 13.55 -5.01 1.36
CA PHE B 265 15.87 -4.86 4.27
CA PHE B 266 16.49 -1.91 6.50
CA MET B 267 19.26 -0.78 8.80
CA PRO B 268 18.29 0.26 12.33
CA GLY B 269 19.90 3.12 14.23
CA PHE B 270 19.33 4.28 17.80
CA ALA B 271 19.32 7.93 18.92
CA PRO B 272 21.05 8.85 22.15
CA LEU B 273 24.18 6.83 21.79
CA THR B 274 26.54 8.64 24.14
CA SER B 275 29.22 7.14 26.42
CA ARG B 276 28.22 6.91 30.09
CA GLY B 277 29.61 9.56 32.45
CA SER B 278 31.20 12.42 30.47
CA GLN B 279 29.46 12.45 27.10
CA GLN B 280 26.12 12.72 29.04
CA TYR B 281 25.92 15.97 27.18
CA ARG B 282 22.17 15.93 26.95
CA ALA B 283 22.59 17.56 23.57
CA LEU B 284 19.35 15.82 22.74
CA THR B 285 17.16 18.85 21.99
CA VAL B 286 16.40 16.99 18.69
CA PRO B 287 18.74 18.30 16.01
CA GLU B 288 21.12 16.20 18.01
CA LEU B 289 19.13 13.03 17.47
CA THR B 290 18.77 13.54 13.73
CA GLN B 291 22.41 14.52 13.74
CA GLN B 292 23.02 11.09 15.24
CA MET B 293 20.64 8.73 13.41
CA PHE B 294 21.49 10.11 9.98
CA ASP B 295 25.27 9.92 10.11
CA ALA B 296 27.20 7.07 8.48
CA LYS B 297 28.60 5.44 11.59
CA ASN B 298 25.68 4.65 13.87
CA MET B 299 23.97 2.50 11.27
CA MET B 300 23.92 -1.02 12.73
CA ALA B 301 24.37 -2.14 9.13
CA ALA B 302 27.84 -2.63 7.70
CA CYS B 303 27.37 -0.52 4.64
CA ASP B 304 27.35 3.25 4.79
CA PRO B 305 24.22 5.17 3.68
CA ARG B 306 26.48 7.80 2.16
CA HIS B 307 27.13 5.07 -0.42
CA GLY B 308 23.60 4.93 -1.82
CA ARG B 309 20.26 6.77 -1.84
CA TYR B 310 17.40 5.97 0.48
CA LEU B 311 13.91 4.90 -0.50
CA THR B 312 12.32 5.34 2.85
CA VAL B 313 13.24 6.34 6.34
CA ALA B 314 11.30 6.07 9.57
CA ALA B 315 12.44 8.10 12.50
CA VAL B 316 10.39 6.45 15.17
CA PHE B 317 11.00 8.97 18.00
CA ARG B 318 9.73 8.27 21.52
CA GLY B 319 10.00 11.17 23.96
CA ARG B 320 8.01 14.43 24.29
CA MET B 321 8.96 16.84 21.45
CA SER B 322 7.51 19.44 19.10
CA MET B 323 5.75 18.04 16.07
CA LYS B 324 7.29 21.17 14.65
CA GLU B 325 10.95 20.72 15.58
CA VAL B 326 10.52 17.13 14.46
CA ASP B 327 8.60 17.61 11.27
CA GLU B 328 10.92 20.52 10.52
CA GLN B 329 14.37 19.02 11.11
CA MET B 330 13.45 16.04 8.92
CA LEU B 331 13.11 18.51 6.08
CA ASN B 332 16.46 20.31 6.13
CA VAL B 333 17.86 16.82 6.45
CA GLN B 334 15.97 15.94 3.27
CA ASN B 335 17.41 18.99 1.54
CA LYS B 336 21.01 19.06 2.80
CA ASN B 337 21.27 15.56 1.39
CA SER B 338 18.93 15.74 -1.61
CA SER B 339 21.84 14.01 -3.32
CA TYR B 340 21.22 10.72 -1.56
CA PHE B 341 17.59 10.30 -0.69
CA VAL B 342 16.07 9.28 -4.05
CA GLU B 343 13.70 11.70 -5.76
CA TRP B 344 10.62 9.88 -7.02
CA ILE B 345 9.41 10.03 -3.43
CA PRO B 346 8.66 13.61 -2.47
CA ASN B 347 8.82 12.77 1.25
CA ASN B 348 10.99 9.69 1.83
CA VAL B 349 10.95 10.21 5.54
CA LYS B 350 8.20 8.77 7.70
CA THR B 351 8.16 10.75 10.91
CA ALA B 352 6.72 8.79 13.79
CA VAL B 353 6.29 10.09 17.31
CA CYS B 354 5.59 8.18 20.50
CA ASP B 355 5.40 9.91 23.87
CA ILE B 356 6.96 7.93 26.69
CA PRO B 357 10.71 7.48 26.07
CA PRO B 358 13.17 4.69 26.93
CA ARG B 359 12.58 4.24 30.66
CA GLY B 360 15.64 6.11 31.94
CA LEU B 361 16.15 8.52 29.05
CA LYS B 362 14.58 11.88 28.15
CA MET B 363 14.45 11.57 24.38
CA SER B 364 15.30 8.88 21.83
CA ALA B 365 14.40 7.94 18.23
CA THR B 366 14.76 4.65 16.44
CA PHE B 367 15.83 4.86 12.81
CA ILE B 368 14.73 2.34 10.25
CA GLY B 369 16.37 3.07 6.93
CA ASN B 370 15.56 1.46 3.62
CA SER B 371 18.61 2.60 1.74
CA THR B 372 19.87 1.30 -1.57
CA ALA B 373 23.22 1.13 0.12
CA ILE B 374 22.50 -2.33 1.42
CA GLN B 375 23.18 -3.35 -2.13
CA GLU B 376 26.86 -3.31 -1.21
CA LEU B 377 26.35 -6.11 1.29
CA PHE B 378 24.41 -8.74 -0.51
CA LYS B 379 27.09 -8.10 -3.10
CA ARG B 380 29.68 -9.02 -0.51
CA ILE B 381 27.85 -12.13 0.59
CA SER B 382 27.07 -13.12 -2.98
CA GLU B 383 30.73 -12.69 -3.87
CA GLN B 384 32.05 -14.93 -1.06
CA PHE B 385 29.65 -17.57 -2.32
CA THR B 386 30.80 -17.77 -5.92
CA ALA B 387 34.50 -17.56 -4.97
CA MET B 388 33.92 -20.74 -2.97
CA PHE B 389 30.99 -22.22 -4.71
CA ARG B 390 33.06 -22.32 -7.85
CA ARG B 391 35.17 -24.97 -6.08
CA LYS B 392 32.22 -26.51 -4.17
CA ALA B 393 34.30 -25.90 -1.05
CA PHE B 394 32.45 -27.32 1.93
CA LEU B 395 29.60 -28.44 -0.24
CA HIS B 396 29.69 -32.12 0.67
CA TRP B 397 28.35 -31.18 4.13
CA TYR B 398 25.25 -29.86 2.41
CA THR B 399 24.59 -32.37 -0.36
CA GLY B 400 25.55 -35.25 1.92
CA GLU B 401 22.65 -33.97 3.98
CA GLY B 402 20.22 -34.30 1.12
CA MET B 403 20.59 -31.03 -0.74
CA ASP B 404 20.83 -30.05 -4.40
CA GLU B 405 23.54 -28.56 -6.63
CA MET B 406 20.72 -26.49 -8.11
CA GLU B 407 19.59 -25.29 -4.67
CA PHE B 408 22.73 -23.25 -4.11
CA THR B 409 22.50 -22.00 -7.67
CA GLU B 410 18.97 -20.88 -6.99
CA ALA B 411 19.63 -18.87 -3.86
CA GLU B 412 22.70 -17.07 -5.08
CA SER B 413 20.99 -16.03 -8.28
CA ASN B 414 17.82 -14.97 -6.46
CA MET B 415 19.63 -13.05 -3.76
CA ASN B 416 22.09 -12.00 -6.47
CA ASP B 417 19.29 -10.54 -8.60
CA LEU B 418 18.06 -8.91 -5.41
CA VAL B 419 21.26 -6.83 -5.58
CA SER B 420 20.49 -5.89 -9.13
CA GLU B 421 16.99 -4.55 -8.49
CA TYR B 422 18.04 -2.44 -5.50
CA GLN B 423 20.30 -0.53 -7.90
CA GLN B 424 17.32 0.18 -10.16
CA TYR B 425 16.49 2.95 -7.70
CA GLN B 426 19.96 4.17 -6.76
CA ASP B 427 19.62 5.35 -10.37
CA ASN C 6 35.48 -19.23 -28.76
CA SER C 7 31.90 -18.11 -28.90
CA SER C 8 29.89 -16.67 -30.04
CA ALA C 9 28.78 -15.05 -33.24
CA LYS C 10 25.83 -12.80 -32.76
CA LYS C 11 22.65 -12.77 -34.74
CA LYS C 12 19.90 -10.33 -34.15
CA GLU C 13 16.61 -12.03 -33.79
CA GLU C 14 14.51 -10.47 -36.46
CA LYS C 15 10.93 -11.46 -36.96
CA GLY C 16 7.68 -9.62 -37.17
CA LYS C 17 7.88 -6.54 -35.01
CA ASN C 18 4.29 -7.04 -34.12
CA ILE C 19 3.80 -10.01 -31.93
CA GLN C 20 0.59 -11.09 -33.26
CA VAL C 21 -2.37 -9.47 -31.46
CA VAL C 22 -5.94 -9.84 -32.70
CA VAL C 23 -9.23 -8.65 -31.22
CA ARG C 24 -12.51 -10.51 -31.15
CA VAL C 25 -15.76 -8.75 -30.25
CA ARG C 26 -18.68 -10.88 -29.14
CA PRO C 27 -22.15 -9.77 -28.62
CA PHE C 28 -22.99 -9.18 -25.39
CA ASN C 29 -23.47 -10.30 -21.94
CA LEU C 30 -26.52 -10.47 -19.70
CA ALA C 31 -25.74 -7.56 -17.40
CA GLU C 32 -25.10 -5.30 -20.40
CA ARG C 33 -28.36 -6.22 -22.11
CA LYS C 34 -30.41 -5.80 -18.94
CA ALA C 35 -28.59 -2.47 -18.57
CA SER C 36 -29.63 -1.79 -22.09
CA ALA C 37 -26.57 0.24 -22.55
CA HIS C 38 -25.40 0.75 -25.94
CA SER C 39 -22.09 -0.33 -26.87
CA ILE C 40 -19.26 2.07 -26.91
CA VAL C 41 -17.22 -0.19 -29.00
CA GLU C 42 -17.13 -0.16 -32.75
CA SER C 43 -15.21 -2.82 -34.65
CA ASP C 44 -14.04 -2.30 -38.21
CA PRO C 45 -12.71 -5.61 -39.16
CA VAL C 46 -11.60 -4.27 -42.50
CA ARG C 47 -9.80 -1.53 -40.69
CA LYS C 48 -8.64 -3.97 -38.20
CA GLU C 49 -9.74 -1.09 -36.07
CA VAL C 50 -11.52 -1.06 -32.73
CA SER C 51 -12.76 2.32 -31.51
CA VAL C 52 -13.93 3.00 -27.98
CA ARG C 53 -16.12 5.93 -26.95
CA THR C 54 -13.97 7.08 -24.09
CA GLY C 55 -16.80 8.78 -22.37
CA GLY C 56 -18.70 6.11 -24.13
CA LEU C 57 -22.18 6.84 -22.90
CA ALA C 58 -20.59 9.98 -21.69
CA ASP C 59 -18.58 10.59 -24.83
CA LYS C 60 -19.72 9.63 -28.21
CA SER C 61 -17.65 12.73 -28.93
CA SER C 62 -14.44 11.10 -27.89
CA ARG C 63 -13.18 7.88 -29.36
CA LYS C 64 -9.99 5.90 -28.70
CA THR C 65 -8.98 3.90 -31.75
CA TYR C 66 -6.57 1.00 -31.89
CA THR C 67 -5.29 -0.85 -34.92
CA PHE C 68 -4.86 -4.64 -34.63
CA ASP C 69 -3.21 -7.15 -36.78
CA MET C 70 -6.51 -8.87 -37.21
CA VAL C 71 -9.96 -7.78 -36.06
CA PHE C 72 -12.97 -10.07 -35.66
CA GLY C 73 -16.40 -8.53 -35.31
CA ALA C 74 -19.29 -10.03 -33.45
CA SER C 75 -19.88 -12.02 -36.58
CA THR C 76 -16.58 -13.74 -36.21
CA LYS C 77 -17.76 -17.15 -35.18
CA GLN C 78 -15.64 -19.90 -33.68
CA ILE C 79 -14.39 -21.36 -36.96
CA ASP C 80 -13.44 -17.85 -38.11
CA VAL C 81 -11.23 -17.27 -35.08
CA TYR C 82 -9.61 -20.65 -35.57
CA ARG C 83 -8.93 -20.39 -39.31
CA SER C 84 -7.54 -16.88 -38.91
CA VAL C 85 -5.59 -17.26 -35.67
CA VAL C 86 -4.93 -20.91 -34.77
CA ALA C 87 -4.26 -22.62 -38.10
CA PRO C 88 -1.09 -20.56 -38.75
CA ILE C 89 0.05 -21.17 -35.17
CA LEU C 90 -0.49 -24.91 -35.49
CA ASP C 91 1.84 -25.15 -38.48
CA GLU C 92 4.52 -23.26 -36.57
CA VAL C 93 4.27 -25.83 -33.79
CA ILE C 94 4.72 -28.58 -36.39
CA MET C 95 7.79 -26.60 -37.43
CA GLY C 96 9.26 -27.52 -34.10
CA TYR C 97 9.52 -24.54 -32.02
CA ASN C 98 7.58 -23.16 -29.44
CA ALA C 99 4.26 -21.38 -29.83
CA THR C 100 1.73 -19.80 -27.53
CA ILE C 101 -1.77 -18.48 -27.98
CA PHE C 102 -3.61 -16.91 -25.09
CA ALA C 103 -7.05 -15.30 -24.78
CA TYR C 104 -7.15 -12.08 -22.75
CA GLY C 105 -10.03 -9.88 -21.67
CA GLN C 106 -12.84 -8.72 -19.38
CA THR C 107 -15.05 -11.36 -17.88
CA GLY C 108 -17.69 -12.97 -20.01
CA THR C 109 -15.77 -11.77 -23.02
CA GLY C 110 -16.04 -15.10 -24.65
CA LYS C 111 -12.58 -16.36 -23.85
CA THR C 112 -13.61 -19.72 -22.48
CA PHE C 113 -16.63 -19.93 -24.74
CA THR C 114 -14.25 -19.38 -27.65
CA MET C 115 -11.43 -21.71 -26.55
CA GLU C 116 -13.57 -24.54 -25.20
CA GLY C 117 -16.23 -23.95 -27.72
CA GLU C 118 -18.59 -26.78 -27.37
CA ARG C 119 -20.34 -29.40 -29.06
CA SER C 120 -23.63 -27.64 -29.34
CA PRO C 121 -25.93 -27.92 -26.54
CA ASN C 122 -28.51 -30.54 -27.04
CA GLU C 123 -26.84 -31.43 -30.20
CA GLU C 124 -27.88 -34.02 -32.66
CA TYR C 125 -25.29 -35.29 -34.01
CA CYS C 126 -22.18 -33.38 -34.71
CA TRP C 127 -19.15 -34.93 -33.36
CA GLU C 128 -16.46 -32.58 -34.40
CA GLU C 129 -14.77 -29.55 -33.71
CA ASP C 130 -18.31 -28.33 -34.02
CA PRO C 131 -19.07 -24.94 -35.47
CA LEU C 132 -20.17 -24.54 -31.77
CA ALA C 133 -16.74 -25.78 -30.88
CA GLY C 134 -14.03 -23.26 -30.35
CA ILE C 135 -10.30 -22.99 -30.80
CA ILE C 136 -9.17 -25.82 -28.52
CA PRO C 137 -11.42 -28.64 -29.76
CA ARG C 138 -10.50 -27.73 -33.37
CA THR C 139 -6.77 -27.54 -32.65
CA LEU C 140 -6.57 -30.98 -31.03
CA HIS C 141 -8.25 -32.39 -34.15
CA GLN C 142 -6.02 -30.47 -36.55
CA ILE C 143 -2.82 -31.23 -34.62
CA PHE C 144 -3.06 -34.93 -35.44
CA GLU C 145 -4.16 -34.31 -39.01
CA LYS C 146 -1.09 -32.19 -39.73
CA LEU C 147 1.28 -34.44 -37.80
CA THR C 148 0.13 -37.57 -39.61
CA ASP C 149 0.33 -35.68 -42.90
CA ASN C 150 3.84 -34.52 -41.98
CA GLY C 151 5.04 -38.08 -41.77
CA THR C 152 7.71 -37.30 -39.31
CA GLU C 153 7.98 -40.24 -36.96
CA PHE C 154 6.07 -38.49 -34.19
CA SER C 155 4.96 -38.66 -30.60
CA VAL C 156 2.33 -36.38 -29.09
CA LYS C 157 2.17 -35.47 -25.41
CA VAL C 158 -0.41 -33.28 -23.67
CA SER C 159 -0.82 -31.61 -20.28
CA LEU C 160 -3.44 -29.38 -18.69
CA LEU C 161 -3.08 -27.35 -15.53
CA GLU C 162 -4.85 -24.40 -14.03
CA ILE C 163 -3.36 -21.58 -12.03
CA TYR C 164 -5.75 -21.05 -9.15
CA ASN C 165 -4.78 -18.29 -6.78
CA GLU C 166 -1.24 -18.65 -8.03
CA GLU C 167 -1.07 -22.33 -7.09
CA LEU C 168 -0.76 -24.97 -9.81
CA PHE C 169 -3.09 -27.96 -10.09
CA ASP C 170 -2.88 -30.76 -12.66
CA LEU C 171 -6.25 -31.05 -14.38
CA LEU C 172 -5.41 -33.99 -16.51
CA ASN C 173 -3.79 -35.92 -13.89
CA PRO C 174 -5.31 -39.25 -14.00
CA SER C 175 -5.77 -39.79 -10.31
CA SER C 176 -8.23 -38.40 -7.92
CA ASP C 177 -6.13 -35.49 -7.11
CA VAL C 178 -4.37 -33.02 -9.19
CA SER C 179 -0.96 -34.16 -9.97
CA GLU C 180 1.65 -32.61 -7.84
CA ARG C 181 2.53 -29.18 -7.70
CA LEU C 182 5.13 -28.14 -9.80
CA GLN C 183 8.58 -26.78 -9.16
CA MET C 184 10.03 -24.25 -11.56
CA PHE C 185 13.69 -23.95 -12.62
CA ASP C 186 15.64 -21.80 -15.10
CA ASP C 187 16.20 -23.64 -18.39
CA PRO C 188 19.69 -24.91 -18.18
CA ARG C 189 20.69 -24.59 -21.90
CA ASN C 190 18.43 -21.63 -22.38
CA LYS C 191 18.92 -18.67 -20.05
CA ARG C 192 15.78 -17.21 -21.59
CA GLY C 193 13.08 -19.41 -20.13
CA VAL C 194 12.00 -21.74 -17.39
CA ILE C 195 11.37 -25.44 -16.93
CA ILE C 196 8.33 -26.74 -15.10
CA LYS C 197 9.46 -30.11 -13.78
CA GLY C 198 7.36 -33.21 -13.86
CA LEU C 199 4.14 -31.86 -14.87
CA GLU C 200 1.95 -34.82 -15.95
CA GLU C 201 2.26 -35.64 -19.56
CA ILE C 202 -0.06 -37.99 -21.27
CA THR C 203 1.08 -39.54 -24.53
CA VAL C 204 -1.82 -39.47 -26.98
CA HIS C 205 -2.09 -41.19 -30.32
CA ASN C 206 -4.87 -39.12 -31.48
CA LYS C 207 -7.85 -36.94 -30.59
CA ASP C 208 -9.92 -39.54 -28.73
CA GLU C 209 -7.16 -40.10 -26.19
CA VAL C 210 -6.70 -36.36 -25.81
CA TYR C 211 -10.42 -35.62 -25.62
CA GLN C 212 -10.97 -38.01 -22.71
CA ILE C 213 -8.12 -36.39 -20.78
CA LEU C 214 -9.13 -32.84 -21.75
CA GLU C 215 -12.78 -32.93 -20.67
CA LYS C 216 -11.89 -34.39 -17.29
CA GLY C 217 -9.15 -31.82 -16.92
CA ALA C 218 -11.19 -28.77 -17.91
CA ALA C 219 -14.04 -30.06 -15.78
CA LYS C 220 -12.01 -29.75 -12.58
CA ARG C 221 -10.69 -26.35 -13.47
CA THR C 222 -12.28 -24.03 -10.95
CA THR C 223 -15.33 -22.06 -11.99
CA ALA C 224 -17.43 -19.85 -9.72
CA ALA C 225 -20.13 -17.24 -9.92
CA THR C 226 -19.57 -13.49 -9.95
CA LEU C 227 -21.99 -10.69 -10.90
CA MET C 228 -20.09 -10.33 -14.19
CA ASN C 229 -20.09 -14.04 -15.03
CA ALA C 230 -22.07 -16.83 -13.40
CA TYR C 231 -19.55 -19.26 -14.94
CA SER C 232 -16.28 -17.36 -14.39
CA SER C 233 -12.96 -19.16 -14.67
CA ARG C 234 -11.09 -18.63 -11.45
CA SER C 235 -8.14 -20.18 -12.99
CA HIS C 236 -5.87 -19.46 -15.82
CA SER C 237 -5.96 -22.62 -17.95
CA VAL C 238 -2.76 -23.80 -19.61
CA PHE C 239 -3.01 -26.62 -22.15
CA SER C 240 0.32 -27.75 -23.61
CA VAL C 241 0.96 -30.09 -26.53
CA THR C 242 4.52 -31.26 -27.03
CA ILE C 243 5.41 -32.93 -30.30
CA HIS C 244 8.58 -34.98 -30.74
CA MET C 245 9.43 -35.35 -34.41
CA LYS C 246 12.17 -37.46 -36.04
CA GLU C 247 12.63 -37.81 -39.79
CA THR C 248 15.29 -38.99 -42.23
CA THR C 249 15.70 -36.62 -45.16
CA ILE C 250 16.59 -37.01 -48.80
CA ASP C 251 20.08 -36.33 -47.65
CA GLY C 252 19.36 -39.23 -45.39
CA GLU C 253 20.35 -37.03 -42.52
CA GLU C 254 18.26 -37.82 -39.48
CA LEU C 255 16.82 -34.65 -37.97
CA VAL C 256 15.10 -34.45 -34.61
CA LYS C 257 12.97 -31.46 -33.73
CA ILE C 258 10.53 -30.70 -30.94
CA GLY C 259 7.50 -28.50 -31.37
CA LYS C 260 5.37 -27.18 -28.54
CA LEU C 261 2.05 -25.37 -28.40
CA ASN C 262 0.64 -23.61 -25.35
CA LEU C 263 -3.08 -22.84 -25.59
CA VAL C 264 -3.86 -20.52 -22.73
CA ASP C 265 -7.30 -19.53 -21.47
CA LEU C 266 -6.79 -16.77 -18.90
CA ALA C 267 -9.32 -14.94 -16.86
CA GLY C 268 -10.31 -12.48 -17.56
CA SER C 269 -11.44 -11.70 -14.21
CA GLU C 270 -14.13 -9.35 -13.65
CA ASN C 271 -13.35 -6.09 -12.13
CA ILE C 272 -14.82 -6.44 -8.75
CA GLY C 273 -16.79 -3.21 -8.71
CA ARG C 274 -18.85 -4.78 -11.48
CA SER C 275 -18.48 -8.47 -10.59
CA GLY C 276 -19.37 -7.72 -7.02
CA ALA C 277 -16.51 -10.01 -6.32
CA VAL C 278 -16.23 -10.49 -2.64
CA ASP C 279 -13.72 -12.06 -0.23
CA LYS C 280 -12.40 -15.24 -1.87
CA ARG C 281 -13.41 -14.06 -5.36
CA ALA C 282 -12.05 -10.59 -4.56
CA ARG C 283 -8.78 -12.08 -3.30
CA GLU C 284 -8.45 -13.87 -6.63
CA ALA C 285 -9.24 -10.68 -8.57
CA GLY C 286 -6.58 -8.84 -6.56
CA ASN C 287 -3.94 -11.36 -7.56
CA ILE C 288 -5.25 -11.57 -11.10
CA ASN C 289 -5.19 -7.78 -11.58
CA GLN C 290 -1.78 -7.45 -9.95
CA SER C 291 -0.27 -10.20 -12.06
CA LEU C 292 -1.71 -8.71 -15.28
CA LEU C 293 -0.47 -5.30 -14.20
CA THR C 294 3.01 -6.79 -13.75
CA LEU C 295 2.59 -8.21 -17.27
CA GLY C 296 1.77 -4.72 -18.54
CA ARG C 297 4.87 -3.29 -16.86
CA VAL C 298 7.04 -6.02 -18.40
CA ILE C 299 5.62 -5.19 -21.84
CA THR C 300 6.11 -1.46 -21.33
CA ALA C 301 9.63 -2.01 -19.97
CA LEU C 302 10.59 -3.95 -23.09
CA VAL C 303 9.12 -1.42 -25.53
CA GLU C 304 10.75 1.51 -23.74
CA ARG C 305 13.52 -0.91 -23.38
CA THR C 306 14.39 0.69 -20.24
CA PRO C 307 16.29 -0.86 -17.43
CA HIS C 308 14.28 -3.98 -16.28
CA VAL C 309 10.76 -5.46 -16.01
CA PRO C 310 8.32 -5.43 -13.15
CA TYR C 311 8.17 -8.94 -12.12
CA ARG C 312 6.91 -8.34 -9.28
CA GLU C 313 4.49 -11.12 -8.53
CA SER C 314 4.72 -12.78 -11.64
CA LYS C 315 6.35 -16.14 -11.99
CA LEU C 316 4.34 -15.03 -15.01
CA THR C 317 6.46 -12.25 -16.49
CA ARG C 318 9.71 -14.12 -15.86
CA ILE C 319 8.34 -17.02 -17.90
CA LEU C 320 6.73 -14.68 -20.40
CA GLN C 321 9.86 -13.00 -21.57
CA ASP C 322 11.17 -15.78 -23.67
CA SER C 323 7.74 -16.36 -25.04
CA LEU C 324 6.79 -12.83 -25.88
CA GLY C 325 9.26 -10.69 -27.73
CA GLY C 326 11.31 -13.78 -27.58
CA ARG C 327 11.87 -17.15 -29.04
CA THR C 328 8.43 -18.49 -28.48
CA ARG C 329 6.14 -17.46 -31.34
CA THR C 330 3.21 -15.80 -29.54
CA SER C 331 -0.30 -14.70 -30.51
CA ILE C 332 -2.81 -12.86 -28.35
CA ILE C 333 -6.58 -12.93 -28.75
CA ALA C 334 -8.06 -9.93 -26.94
CA THR C 335 -11.76 -10.49 -26.28
CA ILE C 336 -14.14 -7.57 -25.77
CA SER C 337 -17.74 -6.68 -25.31
CA PRO C 338 -18.90 -3.79 -27.31
CA ALA C 339 -20.97 -2.35 -24.52
CA SER C 340 -20.19 1.05 -23.11
CA LEU C 341 -20.81 -0.81 -19.95
CA ASN C 342 -17.48 -2.42 -20.34
CA LEU C 343 -15.81 0.84 -21.31
CA GLU C 344 -13.00 0.62 -18.75
CA GLU C 345 -12.37 -3.06 -19.37
CA THR C 346 -12.37 -2.61 -23.15
CA LEU C 347 -9.98 0.35 -22.98
CA SER C 348 -7.70 -1.62 -20.66
CA THR C 349 -7.60 -4.53 -23.11
CA LEU C 350 -6.98 -2.29 -26.12
CA GLU C 351 -4.35 -0.21 -24.34
CA TYR C 352 -2.17 -3.14 -23.27
CA ALA C 353 -2.77 -4.98 -26.54
CA HIS C 354 -1.66 -1.84 -28.33
CA ARG C 355 1.51 -1.57 -26.26
CA ALA C 356 2.25 -5.20 -27.09
CA LYS C 357 2.49 -4.25 -30.77
CA ASN C 358 5.60 -2.30 -29.93
CA ILE C 359 7.11 -5.37 -28.45
CA LEU C 360 8.82 -7.35 -31.13
CA ASN C 361 9.00 -11.05 -30.78
CA LYS C 362 11.41 -12.86 -32.83
CA PRO C 363 10.69 -16.45 -32.53
CA GLU C 364 13.27 -18.98 -33.32
CA VAL C 365 12.61 -22.10 -35.21
CA ASN C 366 14.14 -24.98 -33.36
MG MG D . -5.70 7.97 12.92
PG GTP E . -5.79 7.41 9.31
O1G GTP E . -4.80 7.61 8.16
O2G GTP E . -5.10 7.29 10.65
O3G GTP E . -6.56 6.15 8.93
O3B GTP E . -6.77 8.75 9.50
PB GTP E . -6.26 10.26 9.93
O1B GTP E . -6.81 11.19 8.86
O2B GTP E . -6.59 10.54 11.32
O3A GTP E . -4.76 10.27 9.65
PA GTP E . -3.59 11.17 10.01
O1A GTP E . -3.54 11.48 11.46
O2A GTP E . -2.35 10.55 9.45
O5' GTP E . -3.87 12.54 9.14
C5' GTP E . -2.88 13.53 9.32
C4' GTP E . -3.07 14.80 8.55
O4' GTP E . -3.89 15.73 9.29
C3' GTP E . -1.72 15.47 8.40
O3' GTP E . -1.72 16.28 7.25
C2' GTP E . -1.61 16.24 9.69
O2' GTP E . -0.75 17.37 9.50
C1' GTP E . -3.06 16.66 9.99
N9 GTP E . -3.45 16.64 11.42
C8 GTP E . -3.40 15.57 12.27
N7 GTP E . -3.81 15.83 13.48
C5 GTP E . -4.13 17.17 13.44
C6 GTP E . -4.62 18.02 14.43
O6 GTP E . -4.86 17.71 15.60
N1 GTP E . -4.84 19.34 13.98
C2 GTP E . -4.59 19.78 12.70
N2 GTP E . -4.84 21.04 12.46
N3 GTP E . -4.13 18.99 11.74
C4 GTP E . -3.92 17.70 12.16
PB GDP F . 23.52 -21.44 15.00
O1B GDP F . 23.70 -21.31 16.39
O2B GDP F . 22.15 -21.21 14.50
O3B GDP F . 24.06 -22.86 14.40
O3A GDP F . 24.42 -20.30 14.38
PA GDP F . 25.36 -19.14 15.13
O1A GDP F . 24.48 -18.21 15.90
O2A GDP F . 26.38 -19.91 15.95
O5' GDP F . 25.93 -18.38 13.90
C5' GDP F . 27.19 -17.64 13.99
C4' GDP F . 27.08 -16.23 13.66
O4' GDP F . 26.21 -15.57 14.66
C3' GDP F . 28.40 -15.40 13.82
O3' GDP F . 28.42 -14.43 12.71
C2' GDP F . 28.36 -14.61 15.15
O2' GDP F . 29.01 -13.33 15.24
C1' GDP F . 26.86 -14.45 15.39
N9 GDP F . 26.45 -14.54 16.79
C8 GDP F . 26.51 -15.87 17.49
N7 GDP F . 26.01 -15.34 18.70
C5 GDP F . 25.72 -14.06 18.81
C6 GDP F . 25.25 -13.03 19.68
O6 GDP F . 24.93 -13.41 20.93
N1 GDP F . 25.10 -11.75 19.32
C2 GDP F . 25.45 -11.35 17.92
N2 GDP F . 25.23 -10.05 17.81
N3 GDP F . 25.89 -12.22 17.11
C4 GDP F . 26.00 -13.50 17.50
O01 TA1 G . 23.38 1.42 30.37
C01 TA1 G . 22.62 2.59 30.02
C02 TA1 G . 23.47 3.34 28.84
O02 TA1 G . 23.52 2.31 27.80
C03 TA1 G . 24.75 1.66 27.55
O03 TA1 G . 25.78 1.92 28.13
C04 TA1 G . 24.66 0.66 26.51
C05 TA1 G . 25.31 -0.59 26.91
C06 TA1 G . 25.26 -1.67 25.88
C07 TA1 G . 24.63 -1.47 24.62
C08 TA1 G . 24.11 -0.36 24.38
C09 TA1 G . 24.06 0.78 25.25
C10 TA1 G . 22.86 4.69 28.18
C11 TA1 G . 22.96 4.74 26.57
O04 TA1 G . 22.16 3.67 25.92
C12 TA1 G . 20.79 3.65 25.96
O05 TA1 G . 20.10 4.46 26.51
C13 TA1 G . 20.29 2.44 25.20
C14 TA1 G . 24.34 4.58 25.88
O06 TA1 G . 24.23 5.86 25.20
C15 TA1 G . 22.94 6.09 25.80
C16 TA1 G . 22.90 7.43 26.61
C17 TA1 G . 22.55 7.23 28.09
O07 TA1 G . 22.58 8.53 28.75
C18 TA1 G . 23.45 6.14 28.83
C19 TA1 G . 24.96 6.41 28.50
C20 TA1 G . 23.38 6.35 30.43
O08 TA1 G . 24.39 6.68 31.02
C21 TA1 G . 22.08 6.13 31.23
O09 TA1 G . 22.39 6.39 32.67
C22 TA1 G . 21.84 7.49 33.30
O10 TA1 G . 21.11 8.28 32.80
C23 TA1 G . 22.30 7.54 34.73
C24 TA1 G . 21.56 4.71 31.00
C25 TA1 G . 20.33 4.53 30.38
C26 TA1 G . 19.93 3.06 30.04
O11 TA1 G . 18.84 2.93 29.07
C27 TA1 G . 17.61 2.81 29.55
O12 TA1 G . 17.26 2.81 30.68
C28 TA1 G . 16.60 2.65 28.37
O13 TA1 G . 15.31 2.49 28.93
C29 TA1 G . 17.04 1.45 27.51
N01 TA1 G . 17.21 0.32 28.41
C30 TA1 G . 18.05 -0.71 28.15
O14 TA1 G . 18.73 -0.79 27.13
C31 TA1 G . 18.09 -1.74 29.23
C32 TA1 G . 17.00 -2.48 29.65
C33 TA1 G . 17.11 -3.44 30.70
C34 TA1 G . 18.37 -3.64 31.32
C35 TA1 G . 19.47 -2.90 30.92
C36 TA1 G . 19.37 -1.96 29.89
C37 TA1 G . 16.06 1.20 26.34
C38 TA1 G . 16.33 1.82 25.12
C39 TA1 G . 15.46 1.63 24.00
C40 TA1 G . 14.32 0.82 24.14
C41 TA1 G . 14.05 0.21 25.35
C42 TA1 G . 14.92 0.39 26.46
C43 TA1 G . 21.16 2.26 29.45
C44 TA1 G . 19.39 5.63 29.90
C45 TA1 G . 22.45 3.45 31.42
C46 TA1 G . 21.68 2.63 32.56
C47 TA1 G . 23.83 3.70 32.06
PG ANP H . -13.96 -15.18 -17.39
O1G ANP H . -12.66 -14.52 -17.89
O2G ANP H . -13.73 -16.65 -17.16
O3G ANP H . -14.35 -14.48 -16.12
PB ANP H . -15.10 -15.89 -19.84
O1B ANP H . -14.34 -15.06 -20.78
O2B ANP H . -14.51 -17.37 -19.79
N3B ANP H . -15.23 -15.07 -18.36
PA ANP H . -17.09 -16.85 -21.09
O1A ANP H . -17.47 -16.50 -22.57
O2A ANP H . -17.49 -18.09 -20.38
O3A ANP H . -16.64 -15.77 -20.11
O5' ANP H . -18.59 -16.10 -20.66
C5' ANP H . -19.50 -16.94 -21.14
C4' ANP H . -20.96 -16.82 -21.14
O4' ANP H . -21.16 -15.89 -22.28
C3' ANP H . -21.03 -18.23 -21.64
O3' ANP H . -22.05 -19.04 -20.99
C2' ANP H . -21.17 -18.20 -23.17
O2' ANP H . -22.18 -19.04 -23.73
C1' ANP H . -21.41 -16.72 -23.47
N9 ANP H . -20.73 -16.44 -24.66
C8 ANP H . -19.44 -15.97 -24.83
N7 ANP H . -19.20 -15.86 -26.12
C5 ANP H . -20.27 -16.25 -26.81
C6 ANP H . -20.60 -16.33 -28.20
N6 ANP H . -19.64 -16.03 -29.16
N1 ANP H . -21.83 -16.76 -28.57
C2 ANP H . -22.76 -17.07 -27.66
N3 ANP H . -22.50 -17.01 -26.36
C4 ANP H . -21.30 -16.57 -25.89
MG MG I . -13.58 -18.56 -18.32
#